data_8VBM
#
_entry.id   8VBM
#
_cell.length_a   58.215
_cell.length_b   70.612
_cell.length_c   123.974
_cell.angle_alpha   90.000
_cell.angle_beta   90.000
_cell.angle_gamma   90.000
#
_symmetry.space_group_name_H-M   'P 21 21 21'
#
loop_
_entity.id
_entity.type
_entity.pdbx_description
1 polymer 'Bovine Fab ElsE7 light chain'
2 polymer 'Bovine Fab ElsE7 heavy chain'
#
loop_
_entity_poly.entity_id
_entity_poly.type
_entity_poly.pdbx_seq_one_letter_code
_entity_poly.pdbx_strand_id
1 'polypeptide(L)'
;QAVLNQPSSVSGSLGQRVSITCSGSSSNVGNGYVSWYQLIPGSAPRTLIYGDTSRASGVPDRFSGSRSGNTATLTISSLQ
AEDEADYFCASAEDSSSNAVFGSGTTLTVLGQPKAAPSVTLFPPSSEELQANKATLVCLISDFYPGAVTVAWKADSSPVK
AGVETTTPSKQSNNKYAASSYLSLTPEQWKSHRSYSCQVTHEGSTVEKTVAPTECS
;
L
2 'polypeptide(L)'
;QVQLQESGPSLVKPSQTLSLTCTTSGFSLSDNTVGWVRQAPGKALQWLGSITPSGSTNYNPGLKSRLGITKDNSNSQVSL
SLTSATAADSATYYCTTVHQQTRKSCPDGWMFGFDCGFHGWGSEDCVDDCSDILSAQTLSPIYTNAYHVDAWGQGLLVTV
SSASTKGPSVFPLAPSSKSTSGGTAALGCLVKDYFPEPVTVSWNSGALTSGVHTFPAVLQSSGLYSLSSVVTVPSSSLGT
QTYICNVNHKPSNTKVDKKVEPKSC
;
H
#
# COMPACT_ATOMS: atom_id res chain seq x y z
N GLN A 1 9.32 18.20 10.14
CA GLN A 1 8.65 16.91 9.96
C GLN A 1 7.61 16.71 11.06
N ALA A 2 6.86 17.76 11.36
CA ALA A 2 5.79 17.65 12.34
C ALA A 2 4.69 16.75 11.81
N VAL A 3 4.11 15.94 12.71
CA VAL A 3 3.11 14.95 12.35
C VAL A 3 1.77 15.41 12.89
N LEU A 4 0.84 15.72 11.99
CA LEU A 4 -0.52 15.99 12.40
C LEU A 4 -1.10 14.75 13.08
N ASN A 5 -1.94 14.98 14.09
CA ASN A 5 -2.43 13.90 14.94
C ASN A 5 -3.80 13.42 14.48
N GLN A 6 -3.91 12.11 14.26
CA GLN A 6 -5.16 11.43 13.97
C GLN A 6 -5.27 10.24 14.92
N PRO A 7 -6.49 9.77 15.20
CA PRO A 7 -6.63 8.53 15.96
C PRO A 7 -6.06 7.36 15.17
N SER A 8 -5.37 6.47 15.87
CA SER A 8 -4.70 5.36 15.20
C SER A 8 -5.70 4.43 14.51
N SER A 9 -6.92 4.35 15.03
CA SER A 9 -7.94 3.51 14.41
C SER A 9 -9.32 3.97 14.87
N VAL A 10 -10.29 3.91 13.96
CA VAL A 10 -11.69 4.13 14.28
C VAL A 10 -12.50 2.96 13.74
N SER A 11 -13.77 2.90 14.10
CA SER A 11 -14.63 1.79 13.74
C SER A 11 -16.02 2.29 13.38
N GLY A 12 -16.79 1.41 12.73
CA GLY A 12 -18.14 1.72 12.33
C GLY A 12 -18.79 0.53 11.65
N SER A 13 -20.11 0.46 11.73
CA SER A 13 -20.86 -0.65 11.16
C SER A 13 -21.34 -0.29 9.76
N LEU A 14 -21.78 -1.33 9.03
CA LEU A 14 -22.30 -1.12 7.68
C LEU A 14 -23.48 -0.16 7.69
N GLY A 15 -23.44 0.81 6.78
CA GLY A 15 -24.51 1.78 6.65
C GLY A 15 -24.53 2.88 7.69
N GLN A 16 -23.67 2.82 8.70
CA GLN A 16 -23.62 3.83 9.75
C GLN A 16 -22.72 4.98 9.30
N ARG A 17 -22.33 5.84 10.24
CA ARG A 17 -21.52 7.01 9.97
C ARG A 17 -20.25 6.97 10.81
N VAL A 18 -19.14 7.42 10.22
CA VAL A 18 -17.83 7.41 10.87
C VAL A 18 -17.17 8.77 10.65
N SER A 19 -16.46 9.24 11.67
CA SER A 19 -15.70 10.48 11.58
C SER A 19 -14.25 10.24 11.96
N ILE A 20 -13.34 10.94 11.30
CA ILE A 20 -11.91 10.85 11.54
C ILE A 20 -11.36 12.26 11.74
N THR A 21 -10.74 12.50 12.89
CA THR A 21 -10.24 13.82 13.25
C THR A 21 -8.78 13.99 12.87
N CYS A 22 -8.39 15.25 12.68
CA CYS A 22 -7.03 15.61 12.26
C CYS A 22 -6.64 16.87 13.03
N SER A 23 -5.80 16.69 14.06
CA SER A 23 -5.44 17.78 14.95
C SER A 23 -4.14 18.44 14.48
N GLY A 24 -4.08 19.76 14.64
CA GLY A 24 -2.88 20.51 14.31
C GLY A 24 -2.87 21.83 15.05
N SER A 25 -1.82 22.61 14.81
CA SER A 25 -1.66 23.90 15.43
C SER A 25 -2.28 25.00 14.56
N SER A 26 -2.16 26.25 15.02
CA SER A 26 -2.73 27.38 14.30
C SER A 26 -1.94 27.73 13.04
N SER A 27 -0.81 27.06 12.78
CA SER A 27 0.06 27.41 11.67
C SER A 27 -0.01 26.44 10.50
N ASN A 28 -0.74 25.35 10.61
CA ASN A 28 -0.88 24.43 9.48
C ASN A 28 -2.31 24.02 9.23
N VAL A 29 -3.08 23.69 10.27
CA VAL A 29 -4.49 23.35 10.12
C VAL A 29 -5.34 24.60 10.36
N GLY A 30 -4.88 25.46 11.27
CA GLY A 30 -5.58 26.71 11.51
C GLY A 30 -5.67 27.59 10.28
N ASN A 31 -4.64 27.53 9.42
CA ASN A 31 -4.72 28.23 8.14
C ASN A 31 -5.78 27.62 7.24
N GLY A 32 -6.01 26.32 7.35
CA GLY A 32 -6.98 25.63 6.52
C GLY A 32 -6.33 24.89 5.37
N TYR A 33 -7.13 24.64 4.34
CA TYR A 33 -6.69 23.97 3.12
C TYR A 33 -6.11 22.58 3.43
N VAL A 34 -6.94 21.78 4.08
CA VAL A 34 -6.58 20.42 4.49
C VAL A 34 -7.08 19.44 3.45
N SER A 35 -6.25 18.49 3.06
CA SER A 35 -6.60 17.46 2.10
C SER A 35 -6.61 16.09 2.77
N TRP A 36 -7.42 15.18 2.22
CA TRP A 36 -7.52 13.82 2.73
C TRP A 36 -7.22 12.83 1.62
N TYR A 37 -6.59 11.72 1.98
CA TYR A 37 -6.19 10.71 1.02
C TYR A 37 -6.54 9.32 1.55
N GLN A 38 -6.88 8.42 0.62
CA GLN A 38 -7.25 7.05 0.93
C GLN A 38 -6.20 6.10 0.37
N LEU A 39 -5.73 5.19 1.21
CA LEU A 39 -4.70 4.22 0.84
C LEU A 39 -5.24 2.81 1.09
N ILE A 40 -5.61 2.13 0.03
CA ILE A 40 -6.04 0.73 0.10
C ILE A 40 -4.86 -0.14 -0.32
N PRO A 41 -4.51 -1.18 0.44
CA PRO A 41 -3.37 -2.03 0.06
C PRO A 41 -3.54 -2.60 -1.35
N GLY A 42 -2.44 -2.62 -2.10
CA GLY A 42 -2.45 -3.04 -3.48
C GLY A 42 -2.83 -1.96 -4.47
N SER A 43 -3.16 -0.76 -4.01
CA SER A 43 -3.54 0.34 -4.88
C SER A 43 -2.72 1.57 -4.56
N ALA A 44 -2.61 2.45 -5.56
CA ALA A 44 -1.96 3.73 -5.34
C ALA A 44 -2.88 4.65 -4.52
N PRO A 45 -2.31 5.60 -3.78
CA PRO A 45 -3.15 6.48 -2.96
C PRO A 45 -4.16 7.25 -3.80
N ARG A 46 -5.28 7.56 -3.17
CA ARG A 46 -6.43 8.15 -3.84
C ARG A 46 -6.81 9.45 -3.13
N THR A 47 -6.71 10.57 -3.84
CA THR A 47 -7.06 11.87 -3.27
C THR A 47 -8.57 11.97 -3.13
N LEU A 48 -9.05 12.13 -1.89
CA LEU A 48 -10.47 12.23 -1.59
C LEU A 48 -10.94 13.67 -1.49
N ILE A 49 -10.40 14.42 -0.54
CA ILE A 49 -10.83 15.79 -0.25
C ILE A 49 -9.63 16.71 -0.38
N TYR A 50 -9.89 17.93 -0.86
CA TYR A 50 -8.90 19.00 -0.91
C TYR A 50 -9.59 20.31 -0.60
N GLY A 51 -8.81 21.27 -0.09
CA GLY A 51 -9.40 22.54 0.32
C GLY A 51 -10.45 22.40 1.40
N ASP A 52 -10.17 21.58 2.41
CA ASP A 52 -11.02 21.37 3.58
C ASP A 52 -12.30 20.60 3.26
N THR A 53 -13.05 21.03 2.23
CA THR A 53 -14.39 20.49 2.01
C THR A 53 -14.68 20.03 0.58
N SER A 54 -13.78 20.23 -0.38
CA SER A 54 -14.08 19.91 -1.77
C SER A 54 -13.72 18.47 -2.09
N ARG A 55 -14.63 17.78 -2.78
CA ARG A 55 -14.37 16.41 -3.22
C ARG A 55 -13.57 16.42 -4.51
N ALA A 56 -12.77 15.37 -4.70
CA ALA A 56 -12.01 15.18 -5.93
C ALA A 56 -12.89 14.48 -6.96
N SER A 57 -12.30 14.11 -8.09
CA SER A 57 -13.05 13.45 -9.15
C SER A 57 -13.33 11.99 -8.79
N GLY A 58 -14.54 11.54 -9.10
CA GLY A 58 -14.92 10.17 -8.84
C GLY A 58 -15.12 9.80 -7.39
N VAL A 59 -15.13 10.79 -6.49
CA VAL A 59 -15.31 10.53 -5.06
C VAL A 59 -16.82 10.53 -4.78
N PRO A 60 -17.35 9.47 -4.16
CA PRO A 60 -18.80 9.44 -3.88
C PRO A 60 -19.20 10.55 -2.91
N ASP A 61 -20.53 10.72 -2.77
CA ASP A 61 -21.07 11.77 -1.93
C ASP A 61 -21.00 11.44 -0.44
N ARG A 62 -20.83 10.16 -0.08
CA ARG A 62 -20.73 9.81 1.32
C ARG A 62 -19.44 10.32 1.96
N PHE A 63 -18.41 10.59 1.16
CA PHE A 63 -17.19 11.19 1.67
C PHE A 63 -17.37 12.70 1.72
N SER A 64 -17.17 13.28 2.90
CA SER A 64 -17.32 14.72 3.08
C SER A 64 -16.26 15.21 4.07
N GLY A 65 -15.73 16.40 3.82
CA GLY A 65 -14.73 17.00 4.68
C GLY A 65 -15.25 18.28 5.31
N SER A 66 -14.68 18.64 6.45
CA SER A 66 -15.05 19.87 7.14
C SER A 66 -13.90 20.27 8.04
N ARG A 67 -13.96 21.51 8.51
CA ARG A 67 -12.93 22.04 9.40
C ARG A 67 -13.57 22.92 10.47
N SER A 68 -12.89 23.02 11.60
CA SER A 68 -13.33 23.84 12.72
C SER A 68 -12.09 24.33 13.48
N GLY A 69 -11.37 25.26 12.87
CA GLY A 69 -10.19 25.86 13.51
C GLY A 69 -8.94 25.00 13.29
N ASN A 70 -8.48 24.35 14.36
CA ASN A 70 -7.25 23.57 14.34
C ASN A 70 -7.49 22.07 14.20
N THR A 71 -8.74 21.64 14.04
CA THR A 71 -9.07 20.22 13.91
C THR A 71 -10.04 20.05 12.75
N ALA A 72 -9.58 19.41 11.68
CA ALA A 72 -10.41 19.09 10.52
C ALA A 72 -10.89 17.66 10.63
N THR A 73 -12.08 17.41 10.08
CA THR A 73 -12.75 16.11 10.23
C THR A 73 -13.18 15.59 8.87
N LEU A 74 -12.86 14.33 8.61
CA LEU A 74 -13.36 13.62 7.44
C LEU A 74 -14.46 12.67 7.90
N THR A 75 -15.65 12.83 7.33
CA THR A 75 -16.81 12.01 7.69
C THR A 75 -17.21 11.13 6.52
N ILE A 76 -17.33 9.84 6.77
CA ILE A 76 -17.81 8.87 5.80
C ILE A 76 -19.16 8.38 6.29
N SER A 77 -20.23 8.72 5.57
CA SER A 77 -21.57 8.32 5.97
C SER A 77 -21.78 6.85 5.66
N SER A 78 -22.84 6.53 4.91
CA SER A 78 -23.26 5.16 4.62
C SER A 78 -22.07 4.23 4.38
N LEU A 79 -21.58 3.61 5.46
CA LEU A 79 -20.31 2.90 5.42
C LEU A 79 -20.42 1.64 4.58
N GLN A 80 -19.41 1.39 3.76
CA GLN A 80 -19.34 0.21 2.91
C GLN A 80 -18.08 -0.58 3.23
N ALA A 81 -18.09 -1.85 2.82
CA ALA A 81 -16.96 -2.73 3.13
C ALA A 81 -15.70 -2.32 2.39
N GLU A 82 -15.82 -1.74 1.20
CA GLU A 82 -14.66 -1.29 0.46
C GLU A 82 -14.02 -0.03 1.06
N ASP A 83 -14.67 0.59 2.05
CA ASP A 83 -14.11 1.77 2.69
C ASP A 83 -13.05 1.44 3.72
N GLU A 84 -12.86 0.16 4.05
CA GLU A 84 -11.77 -0.24 4.93
C GLU A 84 -10.43 0.11 4.31
N ALA A 85 -9.75 1.09 4.87
CA ALA A 85 -8.48 1.56 4.32
C ALA A 85 -7.76 2.42 5.35
N ASP A 86 -6.63 2.97 4.95
CA ASP A 86 -5.90 3.96 5.72
C ASP A 86 -6.19 5.35 5.17
N TYR A 87 -6.44 6.30 6.06
CA TYR A 87 -6.81 7.66 5.69
C TYR A 87 -5.83 8.63 6.31
N PHE A 88 -5.31 9.54 5.49
CA PHE A 88 -4.30 10.51 5.92
C PHE A 88 -4.78 11.92 5.59
N CYS A 89 -4.70 12.82 6.57
CA CYS A 89 -4.89 14.23 6.30
C CYS A 89 -3.55 14.89 5.98
N ALA A 90 -3.61 16.13 5.51
CA ALA A 90 -2.40 16.84 5.14
C ALA A 90 -2.67 18.33 5.09
N SER A 91 -1.60 19.10 5.31
CA SER A 91 -1.68 20.56 5.21
C SER A 91 -0.26 21.10 5.10
N ALA A 92 -0.13 22.25 4.47
CA ALA A 92 1.16 22.91 4.32
C ALA A 92 1.40 23.85 5.50
N GLU A 93 2.58 23.73 6.10
CA GLU A 93 2.92 24.52 7.28
C GLU A 93 3.33 25.93 6.85
N ASP A 94 2.46 26.91 7.16
CA ASP A 94 2.73 28.32 6.87
C ASP A 94 2.93 28.57 5.37
N SER A 95 2.36 27.70 4.53
CA SER A 95 2.41 27.84 3.08
C SER A 95 3.86 27.91 2.58
N SER A 96 4.69 26.99 3.08
CA SER A 96 6.09 26.92 2.71
C SER A 96 6.36 25.83 1.67
N SER A 97 5.36 25.51 0.85
CA SER A 97 5.43 24.47 -0.18
C SER A 97 5.61 23.07 0.41
N ASN A 98 6.18 22.99 1.61
CA ASN A 98 6.32 21.72 2.31
C ASN A 98 5.03 21.42 3.06
N ALA A 99 4.56 20.19 2.94
CA ALA A 99 3.33 19.75 3.58
C ALA A 99 3.64 18.67 4.61
N VAL A 100 2.80 18.59 5.64
CA VAL A 100 2.94 17.58 6.69
C VAL A 100 1.73 16.65 6.63
N PHE A 101 1.98 15.36 6.80
CA PHE A 101 0.92 14.36 6.77
C PHE A 101 0.53 13.96 8.18
N GLY A 102 -0.73 13.54 8.33
CA GLY A 102 -1.21 13.08 9.61
C GLY A 102 -0.61 11.74 10.00
N SER A 103 -0.82 11.38 11.26
CA SER A 103 -0.31 10.10 11.76
C SER A 103 -1.00 8.92 11.12
N GLY A 104 -2.19 9.10 10.57
CA GLY A 104 -2.88 8.02 9.90
C GLY A 104 -3.96 7.37 10.73
N THR A 105 -5.04 6.97 10.08
CA THR A 105 -6.17 6.32 10.74
C THR A 105 -6.59 5.10 9.93
N THR A 106 -6.72 3.96 10.62
CA THR A 106 -7.22 2.74 10.01
C THR A 106 -8.70 2.59 10.33
N LEU A 107 -9.51 2.43 9.28
CA LEU A 107 -10.95 2.30 9.42
C LEU A 107 -11.35 0.83 9.36
N THR A 108 -12.22 0.43 10.28
CA THR A 108 -12.75 -0.93 10.34
C THR A 108 -14.26 -0.87 10.16
N VAL A 109 -14.77 -1.66 9.23
CA VAL A 109 -16.20 -1.74 8.94
C VAL A 109 -16.71 -3.04 9.55
N LEU A 110 -17.46 -2.92 10.65
CA LEU A 110 -17.98 -4.07 11.35
C LEU A 110 -19.35 -4.46 10.80
N GLY A 111 -19.95 -5.49 11.40
CA GLY A 111 -21.26 -5.94 10.99
C GLY A 111 -21.28 -6.77 9.72
N GLN A 112 -20.15 -7.27 9.29
CA GLN A 112 -20.11 -8.10 8.10
C GLN A 112 -20.42 -9.56 8.44
N PRO A 113 -20.99 -10.30 7.49
CA PRO A 113 -21.40 -11.68 7.78
C PRO A 113 -20.20 -12.55 8.13
N LYS A 114 -20.30 -13.29 9.24
CA LYS A 114 -19.24 -14.18 9.66
C LYS A 114 -19.15 -15.36 8.71
N ALA A 115 -17.94 -15.91 8.57
CA ALA A 115 -17.70 -16.98 7.62
C ALA A 115 -16.63 -17.91 8.15
N ALA A 116 -16.86 -19.22 8.02
CA ALA A 116 -15.90 -20.20 8.47
C ALA A 116 -14.83 -20.40 7.40
N PRO A 117 -13.58 -20.69 7.80
CA PRO A 117 -12.51 -20.78 6.81
C PRO A 117 -12.45 -22.13 6.13
N SER A 118 -11.99 -22.10 4.88
CA SER A 118 -11.64 -23.30 4.14
C SER A 118 -10.13 -23.43 4.14
N VAL A 119 -9.65 -24.66 4.33
CA VAL A 119 -8.24 -24.95 4.53
C VAL A 119 -7.78 -25.95 3.48
N THR A 120 -6.62 -25.67 2.88
CA THR A 120 -6.00 -26.57 1.92
C THR A 120 -4.53 -26.73 2.29
N LEU A 121 -4.08 -27.98 2.39
CA LEU A 121 -2.70 -28.28 2.78
C LEU A 121 -2.00 -28.96 1.61
N PHE A 122 -1.00 -28.28 1.05
CA PHE A 122 -0.23 -28.84 -0.05
C PHE A 122 1.04 -29.48 0.46
N PRO A 123 1.31 -30.74 0.12
CA PRO A 123 2.61 -31.33 0.44
C PRO A 123 3.69 -30.74 -0.46
N PRO A 124 4.96 -30.95 -0.14
CA PRO A 124 6.02 -30.43 -1.01
C PRO A 124 5.94 -31.01 -2.41
N SER A 125 6.10 -30.14 -3.39
CA SER A 125 6.03 -30.57 -4.78
C SER A 125 7.23 -31.44 -5.13
N SER A 126 7.11 -32.17 -6.25
CA SER A 126 8.22 -32.96 -6.73
C SER A 126 9.41 -32.09 -7.10
N GLU A 127 9.14 -30.91 -7.66
CA GLU A 127 10.22 -30.01 -8.06
C GLU A 127 11.02 -29.56 -6.84
N GLU A 128 10.34 -29.18 -5.76
CA GLU A 128 11.04 -28.76 -4.56
C GLU A 128 11.80 -29.91 -3.92
N LEU A 129 11.21 -31.11 -3.93
CA LEU A 129 11.89 -32.28 -3.40
C LEU A 129 13.16 -32.59 -4.19
N GLN A 130 13.10 -32.46 -5.51
CA GLN A 130 14.28 -32.68 -6.34
C GLN A 130 15.38 -31.65 -6.06
N ALA A 131 15.03 -30.51 -5.46
CA ALA A 131 16.00 -29.50 -5.06
C ALA A 131 16.43 -29.65 -3.61
N ASN A 132 16.14 -30.78 -2.98
CA ASN A 132 16.55 -31.09 -1.60
C ASN A 132 15.94 -30.10 -0.60
N LYS A 133 14.68 -29.71 -0.82
CA LYS A 133 13.93 -28.88 0.11
C LYS A 133 12.52 -29.43 0.24
N ALA A 134 11.84 -29.02 1.30
CA ALA A 134 10.49 -29.51 1.59
C ALA A 134 9.74 -28.45 2.37
N THR A 135 8.70 -27.88 1.78
CA THR A 135 7.87 -26.87 2.42
C THR A 135 6.42 -27.29 2.34
N LEU A 136 5.76 -27.36 3.49
CA LEU A 136 4.32 -27.61 3.54
C LEU A 136 3.61 -26.26 3.57
N VAL A 137 2.62 -26.11 2.69
CA VAL A 137 1.93 -24.84 2.49
C VAL A 137 0.48 -25.02 2.90
N CYS A 138 0.06 -24.32 3.95
CA CYS A 138 -1.30 -24.37 4.45
C CYS A 138 -1.98 -23.04 4.14
N LEU A 139 -2.96 -23.07 3.25
CA LEU A 139 -3.65 -21.87 2.79
C LEU A 139 -5.04 -21.82 3.40
N ILE A 140 -5.38 -20.68 3.98
CA ILE A 140 -6.66 -20.45 4.65
C ILE A 140 -7.33 -19.26 4.00
N SER A 141 -8.61 -19.40 3.65
CA SER A 141 -9.29 -18.37 2.88
C SER A 141 -10.76 -18.31 3.24
N ASP A 142 -11.37 -17.17 2.91
CA ASP A 142 -12.82 -16.97 2.99
C ASP A 142 -13.35 -17.14 4.42
N PHE A 143 -12.78 -16.38 5.35
CA PHE A 143 -13.22 -16.39 6.73
C PHE A 143 -13.36 -14.95 7.24
N TYR A 144 -14.27 -14.78 8.20
CA TYR A 144 -14.52 -13.52 8.87
C TYR A 144 -15.07 -13.83 10.25
N PRO A 145 -14.57 -13.16 11.31
CA PRO A 145 -13.54 -12.11 11.28
C PRO A 145 -12.15 -12.65 10.99
N GLY A 146 -11.20 -11.73 10.74
CA GLY A 146 -9.85 -12.12 10.37
C GLY A 146 -8.95 -12.48 11.53
N ALA A 147 -9.42 -13.37 12.40
CA ALA A 147 -8.65 -13.81 13.55
C ALA A 147 -8.62 -15.33 13.55
N VAL A 148 -7.43 -15.90 13.33
CA VAL A 148 -7.23 -17.35 13.36
C VAL A 148 -5.94 -17.67 14.09
N THR A 149 -5.86 -18.91 14.57
CA THR A 149 -4.64 -19.47 15.12
C THR A 149 -4.32 -20.75 14.36
N VAL A 150 -3.05 -20.91 13.99
CA VAL A 150 -2.60 -22.04 13.18
C VAL A 150 -1.60 -22.86 13.98
N ALA A 151 -1.81 -24.16 14.05
CA ALA A 151 -0.91 -25.09 14.71
C ALA A 151 -0.51 -26.19 13.74
N TRP A 152 0.73 -26.66 13.89
CA TRP A 152 1.26 -27.73 13.06
C TRP A 152 1.54 -28.96 13.91
N LYS A 153 1.27 -30.14 13.35
CA LYS A 153 1.44 -31.41 14.04
C LYS A 153 2.27 -32.35 13.19
N ALA A 154 3.03 -33.22 13.86
CA ALA A 154 3.75 -34.31 13.21
C ALA A 154 3.41 -35.59 13.97
N ASP A 155 2.61 -36.45 13.34
CA ASP A 155 2.12 -37.67 13.99
C ASP A 155 1.34 -37.33 15.26
N SER A 156 0.59 -36.24 15.21
CA SER A 156 -0.23 -35.66 16.27
C SER A 156 0.60 -35.01 17.38
N SER A 157 1.93 -34.95 17.24
CA SER A 157 2.71 -34.21 18.23
C SER A 157 2.99 -32.80 17.72
N PRO A 158 2.86 -31.80 18.59
CA PRO A 158 2.99 -30.40 18.14
C PRO A 158 4.37 -30.11 17.57
N VAL A 159 4.41 -29.15 16.64
CA VAL A 159 5.64 -28.70 16.00
C VAL A 159 5.67 -27.18 16.06
N LYS A 160 6.73 -26.62 16.62
CA LYS A 160 6.86 -25.18 16.77
C LYS A 160 8.05 -24.58 16.03
N ALA A 161 8.98 -25.41 15.55
CA ALA A 161 10.15 -24.93 14.83
C ALA A 161 9.94 -25.02 13.33
N GLY A 162 10.51 -24.05 12.62
CA GLY A 162 10.39 -24.02 11.17
C GLY A 162 9.02 -23.62 10.66
N VAL A 163 8.26 -22.86 11.45
CA VAL A 163 6.91 -22.46 11.09
C VAL A 163 6.90 -20.96 10.85
N GLU A 164 6.24 -20.54 9.76
CA GLU A 164 6.06 -19.13 9.43
C GLU A 164 4.60 -18.93 9.04
N THR A 165 3.97 -17.90 9.61
CA THR A 165 2.56 -17.62 9.38
C THR A 165 2.37 -16.14 9.10
N THR A 166 1.61 -15.83 8.05
CA THR A 166 1.31 -14.46 7.70
C THR A 166 0.10 -13.95 8.48
N THR A 167 0.08 -12.65 8.75
CA THR A 167 -1.06 -12.05 9.39
C THR A 167 -2.25 -12.04 8.43
N PRO A 168 -3.46 -12.28 8.92
CA PRO A 168 -4.62 -12.30 8.01
C PRO A 168 -4.80 -10.97 7.29
N SER A 169 -5.22 -11.06 6.03
CA SER A 169 -5.37 -9.88 5.19
C SER A 169 -6.62 -10.02 4.34
N LYS A 170 -7.09 -8.89 3.84
CA LYS A 170 -8.34 -8.85 3.08
C LYS A 170 -8.18 -9.53 1.73
N GLN A 171 -9.21 -10.26 1.32
CA GLN A 171 -9.32 -10.82 -0.01
C GLN A 171 -10.12 -9.85 -0.90
N SER A 172 -10.27 -10.23 -2.17
CA SER A 172 -11.00 -9.37 -3.09
C SER A 172 -12.48 -9.24 -2.72
N ASN A 173 -13.04 -10.23 -2.02
CA ASN A 173 -14.44 -10.23 -1.64
C ASN A 173 -14.64 -9.77 -0.20
N ASN A 174 -13.73 -8.96 0.34
CA ASN A 174 -13.77 -8.41 1.69
C ASN A 174 -13.68 -9.47 2.78
N LYS A 175 -13.49 -10.74 2.42
CA LYS A 175 -13.18 -11.76 3.40
C LYS A 175 -11.68 -11.83 3.63
N TYR A 176 -11.27 -12.60 4.63
CA TYR A 176 -9.88 -12.67 5.03
C TYR A 176 -9.22 -13.96 4.55
N ALA A 177 -7.90 -13.89 4.40
CA ALA A 177 -7.09 -15.03 4.02
C ALA A 177 -5.78 -15.01 4.82
N ALA A 178 -5.21 -16.19 5.02
CA ALA A 178 -3.94 -16.31 5.72
C ALA A 178 -3.20 -17.53 5.17
N SER A 179 -1.89 -17.55 5.41
CA SER A 179 -1.05 -18.64 4.95
C SER A 179 -0.08 -19.03 6.05
N SER A 180 0.30 -20.31 6.05
CA SER A 180 1.27 -20.83 7.01
C SER A 180 2.18 -21.81 6.31
N TYR A 181 3.45 -21.82 6.70
CA TYR A 181 4.45 -22.66 6.07
C TYR A 181 5.20 -23.45 7.12
N LEU A 182 5.53 -24.71 6.78
CA LEU A 182 6.37 -25.56 7.62
C LEU A 182 7.54 -26.02 6.75
N SER A 183 8.70 -25.42 6.96
CA SER A 183 9.89 -25.72 6.18
C SER A 183 10.64 -26.88 6.81
N LEU A 184 10.73 -27.99 6.09
CA LEU A 184 11.42 -29.20 6.55
C LEU A 184 12.50 -29.58 5.55
N THR A 185 13.35 -30.50 5.98
CA THR A 185 14.24 -31.18 5.05
C THR A 185 13.54 -32.39 4.47
N PRO A 186 13.96 -32.86 3.28
CA PRO A 186 13.35 -34.08 2.74
C PRO A 186 13.47 -35.28 3.67
N GLU A 187 14.50 -35.31 4.52
CA GLU A 187 14.63 -36.41 5.48
C GLU A 187 13.59 -36.29 6.58
N GLN A 188 13.35 -35.07 7.08
CA GLN A 188 12.28 -34.87 8.06
C GLN A 188 10.92 -35.18 7.45
N TRP A 189 10.72 -34.79 6.18
CA TRP A 189 9.44 -35.02 5.51
C TRP A 189 9.15 -36.52 5.38
N LYS A 190 10.12 -37.28 4.85
CA LYS A 190 9.95 -38.72 4.70
C LYS A 190 9.89 -39.45 6.03
N SER A 191 10.36 -38.81 7.11
CA SER A 191 10.41 -39.46 8.42
C SER A 191 9.02 -39.80 8.94
N HIS A 192 8.28 -38.79 9.39
CA HIS A 192 6.99 -39.01 10.03
C HIS A 192 5.98 -39.58 9.03
N ARG A 193 4.88 -40.09 9.57
CA ARG A 193 3.82 -40.67 8.74
C ARG A 193 2.85 -39.62 8.22
N SER A 194 2.66 -38.52 8.95
CA SER A 194 1.74 -37.48 8.50
C SER A 194 2.09 -36.17 9.18
N TYR A 195 1.69 -35.08 8.53
CA TYR A 195 1.77 -33.73 9.09
C TYR A 195 0.40 -33.08 8.98
N SER A 196 0.04 -32.29 9.98
CA SER A 196 -1.29 -31.70 10.06
C SER A 196 -1.20 -30.20 10.23
N CYS A 197 -2.17 -29.50 9.65
CA CYS A 197 -2.34 -28.05 9.82
C CYS A 197 -3.67 -27.82 10.50
N GLN A 198 -3.64 -27.31 11.73
CA GLN A 198 -4.84 -27.06 12.51
C GLN A 198 -5.17 -25.57 12.49
N VAL A 199 -6.40 -25.24 12.10
CA VAL A 199 -6.84 -23.86 12.00
C VAL A 199 -8.03 -23.67 12.93
N THR A 200 -7.87 -22.82 13.93
CA THR A 200 -8.91 -22.51 14.90
C THR A 200 -9.56 -21.18 14.57
N HIS A 201 -10.90 -21.17 14.53
CA HIS A 201 -11.63 -19.96 14.15
C HIS A 201 -13.01 -20.02 14.81
N GLU A 202 -13.19 -19.24 15.88
CA GLU A 202 -14.49 -19.05 16.53
C GLU A 202 -15.06 -20.37 17.03
N GLY A 203 -14.34 -20.99 17.97
CA GLY A 203 -14.81 -22.22 18.57
C GLY A 203 -14.84 -23.41 17.65
N SER A 204 -14.18 -23.33 16.49
CA SER A 204 -14.11 -24.43 15.55
C SER A 204 -12.67 -24.65 15.14
N THR A 205 -12.31 -25.90 14.90
CA THR A 205 -10.95 -26.27 14.52
C THR A 205 -11.01 -27.20 13.32
N VAL A 206 -10.48 -26.74 12.19
CA VAL A 206 -10.37 -27.56 10.97
C VAL A 206 -8.94 -28.04 10.86
N GLU A 207 -8.77 -29.34 10.64
CA GLU A 207 -7.46 -29.97 10.55
C GLU A 207 -7.32 -30.66 9.20
N LYS A 208 -6.26 -30.33 8.47
CA LYS A 208 -5.94 -30.95 7.21
C LYS A 208 -4.61 -31.70 7.34
N THR A 209 -4.51 -32.86 6.70
CA THR A 209 -3.38 -33.75 6.90
C THR A 209 -2.83 -34.22 5.55
N VAL A 210 -1.51 -34.35 5.47
CA VAL A 210 -0.84 -34.86 4.29
C VAL A 210 0.08 -35.99 4.71
N ALA A 211 0.24 -36.98 3.83
CA ALA A 211 1.11 -38.11 4.08
C ALA A 211 2.10 -38.26 2.94
N PRO A 212 3.37 -38.52 3.24
CA PRO A 212 4.37 -38.71 2.17
C PRO A 212 4.07 -39.88 1.25
N THR A 213 3.25 -40.83 1.69
CA THR A 213 2.93 -42.03 0.89
C THR A 213 1.64 -41.83 0.10
N GLU A 214 1.53 -40.69 -0.57
CA GLU A 214 0.31 -40.36 -1.32
C GLU A 214 0.63 -39.93 -2.74
N CYS A 215 -0.11 -38.94 -3.25
CA CYS A 215 0.12 -38.43 -4.59
C CYS A 215 1.43 -37.65 -4.66
N VAL B 2 -4.18 10.62 -17.00
CA VAL B 2 -2.78 10.99 -16.84
C VAL B 2 -2.00 9.79 -16.32
N GLN B 3 -0.68 9.81 -16.47
CA GLN B 3 0.16 8.68 -16.10
C GLN B 3 1.42 9.17 -15.41
N LEU B 4 1.80 8.49 -14.33
CA LEU B 4 3.04 8.75 -13.61
C LEU B 4 3.67 7.41 -13.29
N GLN B 5 4.84 7.14 -13.87
CA GLN B 5 5.51 5.84 -13.72
C GLN B 5 6.88 6.06 -13.09
N GLU B 6 7.08 5.48 -11.91
CA GLU B 6 8.38 5.51 -11.25
C GLU B 6 9.25 4.36 -11.76
N SER B 7 10.56 4.55 -11.66
CA SER B 7 11.50 3.52 -12.08
C SER B 7 12.83 3.75 -11.38
N GLY B 8 13.61 2.68 -11.26
CA GLY B 8 14.90 2.74 -10.61
C GLY B 8 15.24 1.44 -9.92
N PRO B 9 16.36 1.42 -9.19
CA PRO B 9 16.78 0.19 -8.51
C PRO B 9 15.91 -0.11 -7.31
N SER B 10 15.56 -1.39 -7.16
CA SER B 10 14.81 -1.84 -5.98
C SER B 10 15.71 -2.11 -4.79
N LEU B 11 17.03 -2.16 -4.99
CA LEU B 11 17.97 -2.45 -3.93
C LEU B 11 19.11 -1.44 -3.98
N VAL B 12 19.37 -0.78 -2.86
CA VAL B 12 20.46 0.18 -2.73
C VAL B 12 21.26 -0.17 -1.48
N LYS B 13 22.56 -0.35 -1.64
CA LYS B 13 23.42 -0.69 -0.52
C LYS B 13 23.48 0.50 0.45
N PRO B 14 23.69 0.23 1.74
CA PRO B 14 23.76 1.33 2.72
C PRO B 14 24.85 2.33 2.38
N SER B 15 24.62 3.58 2.79
CA SER B 15 25.53 4.71 2.58
C SER B 15 25.63 5.13 1.12
N GLN B 16 25.11 4.32 0.21
CA GLN B 16 25.08 4.71 -1.20
C GLN B 16 23.95 5.70 -1.43
N THR B 17 23.81 6.13 -2.68
CA THR B 17 22.83 7.15 -3.06
C THR B 17 21.66 6.49 -3.78
N LEU B 18 20.47 6.64 -3.21
CA LEU B 18 19.25 6.17 -3.87
C LEU B 18 18.83 7.18 -4.93
N SER B 19 18.49 6.68 -6.12
CA SER B 19 18.10 7.53 -7.23
C SER B 19 16.94 6.91 -7.97
N LEU B 20 15.88 7.69 -8.15
CA LEU B 20 14.67 7.25 -8.85
C LEU B 20 14.32 8.27 -9.92
N THR B 21 13.60 7.81 -10.94
CA THR B 21 13.18 8.66 -12.05
C THR B 21 11.70 8.43 -12.31
N CYS B 22 10.96 9.52 -12.50
CA CYS B 22 9.53 9.48 -12.80
C CYS B 22 9.32 9.93 -14.23
N THR B 23 8.76 9.05 -15.06
CA THR B 23 8.41 9.38 -16.43
C THR B 23 6.94 9.75 -16.48
N THR B 24 6.65 10.91 -17.06
CA THR B 24 5.32 11.50 -17.02
C THR B 24 4.71 11.58 -18.42
N SER B 25 3.38 11.54 -18.47
CA SER B 25 2.66 11.65 -19.72
C SER B 25 1.22 12.06 -19.43
N GLY B 26 0.78 13.14 -20.07
CA GLY B 26 -0.60 13.58 -19.99
C GLY B 26 -0.84 14.91 -19.29
N PHE B 27 0.20 15.71 -19.05
CA PHE B 27 0.00 17.01 -18.40
C PHE B 27 1.11 17.99 -18.72
N SER B 28 2.16 17.52 -19.41
CA SER B 28 3.33 18.32 -19.77
C SER B 28 4.11 18.76 -18.53
N LEU B 29 5.39 18.39 -18.48
CA LEU B 29 6.21 18.65 -17.29
C LEU B 29 6.51 20.13 -17.08
N SER B 30 6.13 21.00 -18.00
CA SER B 30 6.38 22.43 -17.88
C SER B 30 5.20 23.21 -17.33
N ASP B 31 4.00 22.61 -17.27
CA ASP B 31 2.82 23.29 -16.75
C ASP B 31 2.55 22.92 -15.30
N ASN B 32 2.26 21.65 -15.03
CA ASN B 32 2.02 21.21 -13.67
C ASN B 32 3.33 20.89 -12.97
N THR B 33 3.30 20.91 -11.64
CA THR B 33 4.47 20.60 -10.82
C THR B 33 4.38 19.17 -10.30
N VAL B 34 5.54 18.58 -10.05
CA VAL B 34 5.67 17.17 -9.69
C VAL B 34 6.37 17.08 -8.34
N GLY B 35 5.84 16.24 -7.45
CA GLY B 35 6.42 16.05 -6.14
C GLY B 35 6.64 14.58 -5.84
N TRP B 36 7.44 14.33 -4.80
CA TRP B 36 7.80 12.99 -4.37
C TRP B 36 7.34 12.77 -2.93
N VAL B 37 6.62 11.67 -2.71
CA VAL B 37 6.14 11.27 -1.39
C VAL B 37 6.55 9.83 -1.15
N ARG B 38 6.93 9.51 0.09
CA ARG B 38 7.31 8.16 0.46
C ARG B 38 6.55 7.73 1.71
N GLN B 39 6.62 6.44 2.00
CA GLN B 39 5.96 5.88 3.18
C GLN B 39 6.68 4.60 3.58
N ALA B 40 7.30 4.61 4.76
CA ALA B 40 7.91 3.41 5.29
C ALA B 40 6.83 2.39 5.64
N PRO B 41 7.14 1.10 5.59
CA PRO B 41 6.14 0.07 5.88
C PRO B 41 5.59 0.23 7.30
N GLY B 42 4.27 0.40 7.40
CA GLY B 42 3.63 0.56 8.67
C GLY B 42 3.77 1.93 9.31
N LYS B 43 4.25 2.92 8.57
CA LYS B 43 4.39 4.29 9.06
C LYS B 43 3.52 5.23 8.21
N ALA B 44 3.57 6.50 8.56
CA ALA B 44 2.77 7.52 7.89
C ALA B 44 3.49 8.06 6.66
N LEU B 45 2.71 8.68 5.78
CA LEU B 45 3.28 9.31 4.60
C LEU B 45 4.25 10.42 5.00
N GLN B 46 5.30 10.58 4.20
CA GLN B 46 6.33 11.57 4.46
C GLN B 46 6.59 12.37 3.19
N TRP B 47 6.46 13.69 3.28
CA TRP B 47 6.73 14.55 2.14
C TRP B 47 8.23 14.72 1.95
N LEU B 48 8.70 14.43 0.74
CA LEU B 48 10.12 14.57 0.41
C LEU B 48 10.43 15.88 -0.31
N GLY B 49 9.61 16.26 -1.30
CA GLY B 49 9.81 17.51 -1.98
C GLY B 49 9.19 17.51 -3.35
N SER B 50 9.25 18.67 -3.99
CA SER B 50 8.70 18.86 -5.32
C SER B 50 9.60 19.81 -6.09
N ILE B 51 9.33 19.92 -7.39
CA ILE B 51 10.02 20.87 -8.26
C ILE B 51 8.96 21.66 -9.02
N THR B 52 9.09 22.99 -9.00
CA THR B 52 8.11 23.86 -9.62
C THR B 52 8.32 23.92 -11.13
N PRO B 53 7.30 24.36 -11.88
CA PRO B 53 7.49 24.51 -13.33
C PRO B 53 8.64 25.43 -13.72
N SER B 54 9.00 26.38 -12.86
CA SER B 54 10.11 27.28 -13.11
C SER B 54 11.46 26.67 -12.74
N GLY B 55 11.49 25.40 -12.35
CA GLY B 55 12.71 24.75 -11.95
C GLY B 55 13.05 24.87 -10.47
N SER B 56 12.33 25.71 -9.73
CA SER B 56 12.59 25.85 -8.30
C SER B 56 12.20 24.56 -7.58
N THR B 57 12.96 24.22 -6.54
CA THR B 57 12.78 22.99 -5.80
C THR B 57 12.49 23.30 -4.33
N ASN B 58 11.60 22.52 -3.74
CA ASN B 58 11.30 22.58 -2.32
C ASN B 58 11.60 21.22 -1.70
N TYR B 59 12.16 21.22 -0.49
CA TYR B 59 12.56 20.00 0.18
C TYR B 59 11.97 19.97 1.58
N ASN B 60 11.84 18.76 2.12
CA ASN B 60 11.46 18.60 3.51
C ASN B 60 12.57 19.17 4.39
N PRO B 61 12.24 19.97 5.41
CA PRO B 61 13.30 20.62 6.21
C PRO B 61 14.24 19.64 6.89
N GLY B 62 13.75 18.49 7.32
CA GLY B 62 14.58 17.51 8.00
C GLY B 62 15.39 16.61 7.11
N LEU B 63 15.26 16.74 5.78
CA LEU B 63 15.98 15.88 4.84
C LEU B 63 16.61 16.66 3.70
N LYS B 64 16.59 18.00 3.76
CA LYS B 64 17.10 18.80 2.66
C LYS B 64 18.59 18.55 2.41
N SER B 65 19.35 18.30 3.48
CA SER B 65 20.78 18.03 3.33
C SER B 65 21.09 16.75 2.59
N ARG B 66 20.09 15.87 2.39
CA ARG B 66 20.29 14.62 1.70
C ARG B 66 19.51 14.49 0.39
N LEU B 67 18.59 15.40 0.11
CA LEU B 67 17.69 15.28 -1.03
C LEU B 67 18.19 16.07 -2.25
N GLY B 68 17.50 15.87 -3.36
CA GLY B 68 17.83 16.52 -4.61
C GLY B 68 16.90 16.12 -5.75
N ILE B 69 16.22 17.09 -6.34
CA ILE B 69 15.24 16.84 -7.39
C ILE B 69 15.66 17.59 -8.65
N THR B 70 15.56 16.92 -9.79
CA THR B 70 15.93 17.49 -11.08
C THR B 70 14.78 17.29 -12.06
N LYS B 71 14.81 18.05 -13.17
CA LYS B 71 13.74 18.03 -14.15
C LYS B 71 14.31 17.96 -15.55
N ASP B 72 13.53 17.37 -16.46
CA ASP B 72 13.89 17.30 -17.88
C ASP B 72 12.58 17.38 -18.67
N ASN B 73 12.28 18.57 -19.19
CA ASN B 73 10.97 18.79 -19.82
C ASN B 73 10.88 18.06 -21.17
N SER B 74 11.98 17.99 -21.91
CA SER B 74 11.94 17.34 -23.22
C SER B 74 11.61 15.87 -23.08
N ASN B 75 12.39 15.13 -22.30
CA ASN B 75 12.12 13.72 -22.05
C ASN B 75 10.98 13.50 -21.06
N SER B 76 10.49 14.56 -20.42
CA SER B 76 9.37 14.50 -19.48
C SER B 76 9.70 13.53 -18.33
N GLN B 77 10.80 13.82 -17.64
CA GLN B 77 11.30 12.95 -16.58
C GLN B 77 11.77 13.78 -15.40
N VAL B 78 11.26 13.48 -14.21
CA VAL B 78 11.72 14.07 -12.96
C VAL B 78 12.62 13.06 -12.27
N SER B 79 13.62 13.57 -11.54
CA SER B 79 14.60 12.72 -10.90
C SER B 79 14.68 13.05 -9.41
N LEU B 80 14.88 12.02 -8.59
CA LEU B 80 14.99 12.16 -7.15
C LEU B 80 16.25 11.45 -6.67
N SER B 81 16.98 12.08 -5.76
CA SER B 81 18.21 11.51 -5.22
C SER B 81 18.25 11.73 -3.72
N LEU B 82 18.76 10.72 -3.00
CA LEU B 82 18.94 10.81 -1.55
C LEU B 82 20.24 10.11 -1.19
N THR B 83 21.17 10.86 -0.61
CA THR B 83 22.48 10.34 -0.26
C THR B 83 22.48 9.77 1.15
N SER B 84 23.51 8.96 1.44
CA SER B 84 23.67 8.30 2.73
C SER B 84 22.42 7.49 3.09
N ALA B 85 22.05 6.60 2.17
CA ALA B 85 20.85 5.78 2.36
C ALA B 85 21.04 4.81 3.51
N THR B 86 20.10 4.83 4.46
CA THR B 86 20.11 3.95 5.61
C THR B 86 18.90 3.03 5.56
N ALA B 87 18.86 2.08 6.49
CA ALA B 87 17.73 1.16 6.55
C ALA B 87 16.41 1.88 6.80
N ALA B 88 16.46 3.03 7.47
CA ALA B 88 15.26 3.83 7.67
C ALA B 88 14.72 4.43 6.38
N ASP B 89 15.49 4.39 5.29
CA ASP B 89 15.05 4.90 4.01
C ASP B 89 14.36 3.85 3.15
N SER B 90 14.28 2.61 3.62
CA SER B 90 13.50 1.59 2.92
C SER B 90 12.03 1.94 2.99
N ALA B 91 11.41 2.17 1.84
CA ALA B 91 10.02 2.62 1.79
C ALA B 91 9.52 2.49 0.35
N THR B 92 8.24 2.83 0.17
CA THR B 92 7.64 2.94 -1.15
C THR B 92 7.61 4.41 -1.55
N TYR B 93 8.15 4.72 -2.72
CA TYR B 93 8.31 6.09 -3.18
C TYR B 93 7.32 6.37 -4.30
N TYR B 94 6.47 7.37 -4.11
CA TYR B 94 5.41 7.72 -5.04
C TYR B 94 5.76 8.99 -5.80
N CYS B 95 5.43 9.01 -7.08
CA CYS B 95 5.55 10.20 -7.92
C CYS B 95 4.17 10.84 -8.05
N THR B 96 4.10 12.14 -7.77
CA THR B 96 2.83 12.83 -7.68
C THR B 96 2.84 14.11 -8.50
N THR B 97 1.64 14.59 -8.81
CA THR B 97 1.43 15.92 -9.38
C THR B 97 0.75 16.79 -8.33
N VAL B 98 1.33 17.94 -8.04
CA VAL B 98 0.81 18.86 -7.04
C VAL B 98 0.08 19.98 -7.76
N HIS B 99 -1.03 20.44 -7.17
CA HIS B 99 -1.80 21.56 -7.69
C HIS B 99 -1.84 22.66 -6.65
N GLN B 100 -1.55 23.89 -7.07
CA GLN B 100 -1.52 25.03 -6.18
C GLN B 100 -2.81 25.84 -6.29
N GLN B 101 -2.94 26.84 -5.41
CA GLN B 101 -4.12 27.70 -5.39
C GLN B 101 -3.77 28.95 -4.60
N THR B 102 -3.50 30.05 -5.30
CA THR B 102 -3.12 31.29 -4.67
C THR B 102 -4.36 32.05 -4.21
N ARG B 103 -4.44 32.35 -2.91
CA ARG B 103 -5.49 33.17 -2.35
C ARG B 103 -4.91 34.52 -1.95
N LYS B 104 -5.53 35.60 -2.45
CA LYS B 104 -5.16 36.94 -2.02
C LYS B 104 -5.95 37.32 -0.77
N SER B 105 -5.32 38.11 0.08
CA SER B 105 -5.95 38.55 1.32
C SER B 105 -5.25 39.79 1.82
N CYS B 106 -5.94 40.52 2.68
CA CYS B 106 -5.37 41.69 3.34
C CYS B 106 -4.95 41.36 4.76
N PRO B 107 -4.02 42.12 5.31
CA PRO B 107 -3.62 41.91 6.71
C PRO B 107 -4.80 42.06 7.66
N ASP B 108 -4.57 41.65 8.90
CA ASP B 108 -5.63 41.67 9.91
C ASP B 108 -6.05 43.10 10.21
N GLY B 109 -7.35 43.34 10.20
CA GLY B 109 -7.92 44.67 10.40
C GLY B 109 -8.05 45.46 9.11
N TRP B 110 -7.07 45.31 8.22
CA TRP B 110 -7.11 46.00 6.93
C TRP B 110 -8.21 45.42 6.05
N MET B 111 -8.66 46.23 5.09
CA MET B 111 -9.72 45.82 4.18
C MET B 111 -9.35 46.24 2.76
N PHE B 112 -10.01 45.61 1.79
CA PHE B 112 -9.78 45.89 0.39
C PHE B 112 -10.46 47.20 -0.03
N GLY B 113 -9.99 47.75 -1.14
CA GLY B 113 -10.66 48.90 -1.72
C GLY B 113 -11.95 48.54 -2.43
N PHE B 114 -12.04 47.32 -2.97
CA PHE B 114 -13.27 46.87 -3.62
C PHE B 114 -14.38 46.64 -2.61
N ASP B 115 -14.04 46.12 -1.43
CA ASP B 115 -15.02 45.85 -0.39
C ASP B 115 -15.63 47.11 0.20
N CYS B 116 -15.19 48.29 -0.22
CA CYS B 116 -15.74 49.55 0.28
C CYS B 116 -16.20 50.43 -0.88
N GLY B 122 -6.67 51.05 -6.91
CA GLY B 122 -7.19 51.35 -5.59
C GLY B 122 -7.96 50.20 -4.97
N SER B 123 -8.46 49.30 -5.83
CA SER B 123 -9.22 48.15 -5.35
C SER B 123 -8.29 47.07 -4.79
N GLU B 124 -7.20 46.77 -5.51
CA GLU B 124 -6.30 45.70 -5.09
C GLU B 124 -5.59 46.04 -3.79
N ASP B 125 -5.39 47.33 -3.51
CA ASP B 125 -4.64 47.74 -2.32
C ASP B 125 -5.47 47.53 -1.06
N CYS B 126 -4.77 47.26 0.04
CA CYS B 126 -5.38 47.15 1.36
C CYS B 126 -5.25 48.48 2.08
N VAL B 127 -6.34 48.95 2.68
CA VAL B 127 -6.39 50.28 3.26
C VAL B 127 -6.58 50.18 4.76
N ASP B 128 -6.18 51.24 5.46
CA ASP B 128 -6.29 51.31 6.91
C ASP B 128 -7.59 51.97 7.37
N ASP B 129 -8.27 52.69 6.49
CA ASP B 129 -9.52 53.36 6.82
C ASP B 129 -10.32 53.54 5.54
N CYS B 130 -11.54 52.99 5.51
CA CYS B 130 -12.38 53.09 4.33
C CYS B 130 -13.19 54.38 4.26
N SER B 131 -13.46 55.01 5.40
CA SER B 131 -14.20 56.27 5.39
C SER B 131 -13.39 57.39 4.75
N ASP B 132 -12.06 57.33 4.83
CA ASP B 132 -11.17 58.31 4.24
C ASP B 132 -10.70 57.93 2.84
N ILE B 133 -10.29 56.67 2.65
CA ILE B 133 -9.83 56.11 1.38
C ILE B 133 -8.93 57.10 0.62
N LEU B 134 -8.16 57.89 1.38
CA LEU B 134 -7.28 58.90 0.78
C LEU B 134 -6.09 59.13 1.69
N SER B 135 -6.35 59.64 2.90
CA SER B 135 -5.30 59.84 3.89
C SER B 135 -4.96 58.57 4.65
N ALA B 136 -5.67 57.47 4.41
CA ALA B 136 -5.39 56.22 5.09
C ALA B 136 -4.14 55.56 4.52
N GLN B 137 -3.51 54.73 5.34
CA GLN B 137 -2.31 54.02 4.92
C GLN B 137 -2.66 52.96 3.88
N THR B 138 -1.78 52.78 2.90
CA THR B 138 -2.01 51.88 1.79
C THR B 138 -0.90 50.83 1.71
N LEU B 139 -1.31 49.58 1.45
CA LEU B 139 -0.38 48.47 1.31
C LEU B 139 -0.85 47.56 0.19
N SER B 140 -0.02 46.58 -0.16
CA SER B 140 -0.32 45.61 -1.20
C SER B 140 -0.95 44.36 -0.59
N PRO B 141 -1.77 43.65 -1.36
CA PRO B 141 -2.39 42.42 -0.83
C PRO B 141 -1.36 41.31 -0.68
N ILE B 142 -1.68 40.37 0.20
CA ILE B 142 -0.79 39.25 0.51
C ILE B 142 -1.31 38.01 -0.18
N TYR B 143 -0.49 37.43 -1.06
CA TYR B 143 -0.84 36.22 -1.80
C TYR B 143 -0.22 35.01 -1.10
N THR B 144 -1.05 34.06 -0.72
CA THR B 144 -0.61 32.81 -0.11
C THR B 144 -1.27 31.65 -0.83
N ASN B 145 -0.46 30.67 -1.24
CA ASN B 145 -0.94 29.54 -2.02
C ASN B 145 -0.92 28.26 -1.19
N ALA B 146 -1.90 27.41 -1.45
CA ALA B 146 -2.02 26.10 -0.81
C ALA B 146 -1.89 25.01 -1.86
N TYR B 147 -1.51 23.81 -1.41
CA TYR B 147 -1.17 22.73 -2.31
C TYR B 147 -1.91 21.46 -1.92
N HIS B 148 -2.30 20.67 -2.92
CA HIS B 148 -2.88 19.36 -2.72
C HIS B 148 -2.43 18.44 -3.83
N VAL B 149 -2.15 17.18 -3.49
CA VAL B 149 -1.72 16.19 -4.46
C VAL B 149 -2.92 15.73 -5.27
N ASP B 150 -2.78 15.75 -6.60
CA ASP B 150 -3.88 15.39 -7.50
C ASP B 150 -3.78 13.96 -8.00
N ALA B 151 -2.62 13.56 -8.54
CA ALA B 151 -2.44 12.24 -9.11
C ALA B 151 -1.26 11.54 -8.45
N TRP B 152 -1.42 10.25 -8.19
CA TRP B 152 -0.40 9.43 -7.55
C TRP B 152 0.09 8.36 -8.52
N GLY B 153 1.40 8.15 -8.55
CA GLY B 153 1.95 7.00 -9.23
C GLY B 153 1.77 5.73 -8.42
N GLN B 154 1.95 4.59 -9.09
CA GLN B 154 1.76 3.31 -8.41
C GLN B 154 2.78 3.10 -7.30
N GLY B 155 3.94 3.75 -7.40
CA GLY B 155 4.97 3.63 -6.39
C GLY B 155 5.99 2.56 -6.73
N LEU B 156 7.16 2.69 -6.13
CA LEU B 156 8.26 1.75 -6.33
C LEU B 156 8.82 1.39 -4.96
N LEU B 157 8.82 0.11 -4.63
CA LEU B 157 9.35 -0.36 -3.36
C LEU B 157 10.87 -0.40 -3.42
N VAL B 158 11.50 0.39 -2.56
CA VAL B 158 12.96 0.47 -2.49
C VAL B 158 13.40 -0.13 -1.16
N THR B 159 14.38 -1.03 -1.22
CA THR B 159 14.93 -1.68 -0.04
C THR B 159 16.39 -1.27 0.11
N VAL B 160 16.75 -0.79 1.30
CA VAL B 160 18.13 -0.42 1.61
C VAL B 160 18.71 -1.55 2.44
N SER B 161 19.58 -2.36 1.84
CA SER B 161 20.15 -3.52 2.51
C SER B 161 21.53 -3.81 1.92
N SER B 162 22.36 -4.46 2.73
CA SER B 162 23.65 -4.93 2.26
C SER B 162 23.57 -6.29 1.58
N ALA B 163 22.52 -7.06 1.86
CA ALA B 163 22.33 -8.35 1.21
C ALA B 163 22.10 -8.17 -0.29
N SER B 164 22.34 -9.23 -1.05
CA SER B 164 22.35 -9.18 -2.50
C SER B 164 21.03 -9.69 -3.07
N THR B 165 20.71 -9.20 -4.27
CA THR B 165 19.51 -9.61 -4.98
C THR B 165 19.53 -11.12 -5.24
N LYS B 166 18.35 -11.73 -5.21
CA LYS B 166 18.20 -13.13 -5.56
C LYS B 166 16.84 -13.35 -6.21
N GLY B 167 16.86 -13.96 -7.40
CA GLY B 167 15.64 -14.28 -8.10
C GLY B 167 14.86 -15.38 -7.41
N PRO B 168 13.59 -15.51 -7.75
CA PRO B 168 12.72 -16.47 -7.07
C PRO B 168 12.68 -17.84 -7.71
N SER B 169 12.47 -18.84 -6.87
CA SER B 169 12.19 -20.20 -7.33
C SER B 169 10.68 -20.44 -7.22
N VAL B 170 10.08 -20.90 -8.31
CA VAL B 170 8.63 -21.06 -8.39
C VAL B 170 8.31 -22.55 -8.44
N PHE B 171 7.54 -23.02 -7.46
CA PHE B 171 7.11 -24.41 -7.37
C PHE B 171 5.59 -24.49 -7.41
N PRO B 172 5.03 -25.51 -8.05
CA PRO B 172 3.57 -25.59 -8.19
C PRO B 172 2.89 -26.17 -6.96
N LEU B 173 1.74 -25.61 -6.63
CA LEU B 173 0.84 -26.16 -5.61
C LEU B 173 -0.29 -26.85 -6.36
N ALA B 174 -0.14 -28.14 -6.59
CA ALA B 174 -1.01 -28.87 -7.51
C ALA B 174 -2.25 -29.38 -6.79
N PRO B 175 -3.41 -29.32 -7.45
CA PRO B 175 -4.62 -29.91 -6.87
C PRO B 175 -4.62 -31.42 -7.02
N SER B 176 -5.18 -32.10 -6.03
CA SER B 176 -5.26 -33.55 -6.01
C SER B 176 -6.67 -33.97 -5.63
N SER B 177 -6.87 -35.28 -5.48
CA SER B 177 -8.16 -35.83 -5.07
C SER B 177 -8.53 -35.49 -3.64
N LYS B 178 -7.68 -34.76 -2.92
CA LYS B 178 -7.99 -34.28 -1.58
C LYS B 178 -8.02 -32.77 -1.47
N SER B 179 -7.50 -32.04 -2.46
CA SER B 179 -7.51 -30.59 -2.46
C SER B 179 -8.79 -29.99 -3.02
N THR B 180 -9.69 -30.82 -3.54
CA THR B 180 -10.91 -30.31 -4.16
C THR B 180 -11.96 -30.01 -3.10
N SER B 181 -12.96 -29.24 -3.50
CA SER B 181 -14.11 -28.92 -2.65
C SER B 181 -15.38 -29.06 -3.50
N GLY B 182 -15.65 -30.29 -3.94
CA GLY B 182 -16.78 -30.53 -4.80
C GLY B 182 -16.57 -30.03 -6.22
N GLY B 183 -17.30 -28.99 -6.60
CA GLY B 183 -17.20 -28.46 -7.95
C GLY B 183 -16.08 -27.47 -8.18
N THR B 184 -15.37 -27.07 -7.13
CA THR B 184 -14.26 -26.14 -7.24
C THR B 184 -13.00 -26.75 -6.64
N ALA B 185 -11.87 -26.43 -7.24
CA ALA B 185 -10.57 -26.92 -6.78
C ALA B 185 -9.63 -25.73 -6.62
N ALA B 186 -8.81 -25.79 -5.57
CA ALA B 186 -7.81 -24.77 -5.30
C ALA B 186 -6.45 -25.22 -5.81
N LEU B 187 -5.77 -24.32 -6.52
CA LEU B 187 -4.43 -24.59 -7.02
C LEU B 187 -3.63 -23.29 -6.96
N GLY B 188 -2.31 -23.44 -6.87
CA GLY B 188 -1.46 -22.27 -6.81
C GLY B 188 -0.03 -22.59 -7.15
N CYS B 189 0.84 -21.62 -6.88
CA CYS B 189 2.28 -21.81 -7.04
C CYS B 189 2.99 -21.08 -5.91
N LEU B 190 4.09 -21.68 -5.45
CA LEU B 190 4.86 -21.18 -4.31
C LEU B 190 6.11 -20.46 -4.82
N VAL B 191 6.22 -19.18 -4.51
CA VAL B 191 7.35 -18.36 -4.91
C VAL B 191 8.33 -18.34 -3.74
N LYS B 192 9.47 -19.02 -3.89
CA LYS B 192 10.36 -19.31 -2.78
C LYS B 192 11.69 -18.60 -2.95
N ASP B 193 12.23 -18.09 -1.83
CA ASP B 193 13.60 -17.62 -1.76
C ASP B 193 13.93 -16.53 -2.77
N TYR B 194 13.45 -15.30 -2.52
CA TYR B 194 13.78 -14.16 -3.35
C TYR B 194 14.09 -12.96 -2.46
N PHE B 195 14.80 -12.00 -3.04
CA PHE B 195 15.18 -10.79 -2.30
C PHE B 195 15.63 -9.73 -3.29
N PRO B 196 15.24 -8.46 -3.09
CA PRO B 196 14.29 -8.05 -2.05
C PRO B 196 12.85 -8.12 -2.56
N GLU B 197 11.93 -7.57 -1.78
CA GLU B 197 10.56 -7.47 -2.22
C GLU B 197 10.44 -6.45 -3.35
N PRO B 198 9.36 -6.51 -4.16
CA PRO B 198 8.26 -7.46 -4.13
C PRO B 198 8.21 -8.39 -5.34
N VAL B 199 7.25 -9.32 -5.34
CA VAL B 199 6.93 -10.13 -6.50
C VAL B 199 5.46 -9.95 -6.83
N THR B 200 5.13 -10.10 -8.11
CA THR B 200 3.76 -9.96 -8.59
C THR B 200 3.37 -11.23 -9.34
N VAL B 201 2.20 -11.77 -9.01
CA VAL B 201 1.71 -13.01 -9.59
C VAL B 201 0.40 -12.73 -10.33
N SER B 202 0.24 -13.37 -11.49
CA SER B 202 -1.02 -13.39 -12.21
C SER B 202 -1.25 -14.82 -12.68
N TRP B 203 -2.34 -15.02 -13.41
CA TRP B 203 -2.70 -16.36 -13.89
C TRP B 203 -3.19 -16.27 -15.33
N ASN B 204 -2.59 -17.08 -16.20
CA ASN B 204 -2.93 -17.12 -17.61
C ASN B 204 -2.77 -15.75 -18.26
N SER B 205 -1.71 -15.04 -17.88
CA SER B 205 -1.39 -13.71 -18.42
C SER B 205 -2.52 -12.71 -18.17
N GLY B 206 -3.06 -12.75 -16.96
CA GLY B 206 -4.13 -11.85 -16.57
C GLY B 206 -5.52 -12.25 -17.05
N ALA B 207 -5.63 -13.32 -17.82
CA ALA B 207 -6.94 -13.77 -18.30
C ALA B 207 -7.74 -14.49 -17.23
N LEU B 208 -7.13 -14.81 -16.09
CA LEU B 208 -7.80 -15.49 -14.99
C LEU B 208 -7.68 -14.60 -13.75
N THR B 209 -8.68 -13.75 -13.54
CA THR B 209 -8.72 -12.86 -12.39
C THR B 209 -9.80 -13.19 -11.38
N SER B 210 -10.80 -13.98 -11.78
CA SER B 210 -11.89 -14.34 -10.88
C SER B 210 -11.40 -15.41 -9.89
N GLY B 211 -11.51 -15.11 -8.60
CA GLY B 211 -11.15 -16.07 -7.58
C GLY B 211 -9.66 -16.23 -7.36
N VAL B 212 -8.90 -15.16 -7.50
CA VAL B 212 -7.45 -15.19 -7.31
C VAL B 212 -7.11 -14.41 -6.05
N HIS B 213 -6.12 -14.90 -5.31
CA HIS B 213 -5.60 -14.17 -4.16
C HIS B 213 -4.11 -14.48 -4.01
N THR B 214 -3.32 -13.43 -3.82
CA THR B 214 -1.90 -13.55 -3.55
C THR B 214 -1.63 -13.07 -2.13
N PHE B 215 -0.97 -13.91 -1.34
CA PHE B 215 -0.76 -13.67 0.07
C PHE B 215 0.45 -12.76 0.30
N PRO B 216 0.51 -12.10 1.45
CA PRO B 216 1.72 -11.34 1.78
C PRO B 216 2.92 -12.26 1.95
N ALA B 217 4.10 -11.71 1.66
CA ALA B 217 5.31 -12.50 1.76
C ALA B 217 5.71 -12.67 3.23
N VAL B 218 6.63 -13.62 3.46
CA VAL B 218 7.16 -13.89 4.78
C VAL B 218 8.68 -13.91 4.69
N LEU B 219 9.34 -13.33 5.69
CA LEU B 219 10.79 -13.34 5.78
C LEU B 219 11.22 -14.60 6.53
N GLN B 220 11.99 -15.46 5.86
CA GLN B 220 12.42 -16.72 6.45
C GLN B 220 13.66 -16.50 7.32
N SER B 221 14.08 -17.56 7.99
CA SER B 221 15.29 -17.49 8.81
C SER B 221 16.53 -17.31 7.95
N SER B 222 16.48 -17.79 6.71
CA SER B 222 17.62 -17.65 5.80
C SER B 222 17.81 -16.22 5.31
N GLY B 223 16.83 -15.35 5.54
CA GLY B 223 16.91 -13.98 5.10
C GLY B 223 16.24 -13.69 3.77
N LEU B 224 15.52 -14.65 3.20
CA LEU B 224 14.86 -14.49 1.92
C LEU B 224 13.35 -14.49 2.11
N TYR B 225 12.65 -13.93 1.12
CA TYR B 225 11.20 -13.81 1.15
C TYR B 225 10.55 -14.93 0.36
N SER B 226 9.36 -15.34 0.80
CA SER B 226 8.56 -16.32 0.11
C SER B 226 7.08 -15.98 0.28
N LEU B 227 6.28 -16.32 -0.71
CA LEU B 227 4.84 -16.14 -0.62
C LEU B 227 4.15 -17.17 -1.51
N SER B 228 2.82 -17.10 -1.53
CA SER B 228 2.01 -17.99 -2.34
C SER B 228 0.94 -17.19 -3.06
N SER B 229 0.43 -17.77 -4.15
CA SER B 229 -0.72 -17.25 -4.86
C SER B 229 -1.63 -18.42 -5.22
N VAL B 230 -2.91 -18.28 -4.92
CA VAL B 230 -3.87 -19.37 -5.10
C VAL B 230 -5.02 -18.88 -5.97
N VAL B 231 -5.63 -19.82 -6.68
CA VAL B 231 -6.79 -19.55 -7.53
C VAL B 231 -7.74 -20.74 -7.43
N THR B 232 -9.04 -20.47 -7.42
CA THR B 232 -10.07 -21.50 -7.38
C THR B 232 -10.71 -21.63 -8.74
N VAL B 233 -10.72 -22.85 -9.28
CA VAL B 233 -11.23 -23.09 -10.63
C VAL B 233 -12.23 -24.24 -10.56
N PRO B 234 -13.10 -24.37 -11.56
CA PRO B 234 -14.00 -25.53 -11.60
C PRO B 234 -13.20 -26.83 -11.71
N SER B 235 -13.64 -27.84 -10.94
CA SER B 235 -12.93 -29.11 -10.89
C SER B 235 -13.03 -29.86 -12.20
N SER B 236 -14.08 -29.63 -12.99
CA SER B 236 -14.26 -30.32 -14.26
C SER B 236 -13.31 -29.81 -15.34
N SER B 237 -12.58 -28.72 -15.09
CA SER B 237 -11.68 -28.15 -16.07
C SER B 237 -10.25 -28.64 -15.93
N LEU B 238 -9.94 -29.43 -14.90
CA LEU B 238 -8.58 -29.87 -14.63
C LEU B 238 -8.01 -30.80 -15.70
N GLY B 239 -8.76 -31.12 -16.74
CA GLY B 239 -8.25 -31.93 -17.83
C GLY B 239 -8.31 -31.22 -19.16
N THR B 240 -9.01 -30.08 -19.19
CA THR B 240 -9.18 -29.30 -20.40
C THR B 240 -8.41 -27.99 -20.38
N GLN B 241 -8.41 -27.27 -19.27
CA GLN B 241 -7.81 -25.95 -19.18
C GLN B 241 -6.44 -26.04 -18.52
N THR B 242 -5.43 -25.47 -19.18
CA THR B 242 -4.11 -25.33 -18.59
C THR B 242 -4.06 -24.07 -17.73
N TYR B 243 -3.30 -24.15 -16.65
CA TYR B 243 -3.21 -23.05 -15.69
C TYR B 243 -1.74 -22.70 -15.46
N ILE B 244 -1.38 -21.46 -15.79
CA ILE B 244 -0.01 -20.97 -15.68
C ILE B 244 -0.01 -19.77 -14.75
N CYS B 245 0.85 -19.78 -13.74
CA CYS B 245 1.04 -18.64 -12.87
C CYS B 245 2.26 -17.84 -13.35
N ASN B 246 2.09 -16.53 -13.45
CA ASN B 246 3.09 -15.65 -14.04
C ASN B 246 3.70 -14.81 -12.93
N VAL B 247 4.88 -15.21 -12.46
CA VAL B 247 5.57 -14.49 -11.40
C VAL B 247 6.44 -13.41 -12.03
N ASN B 248 6.52 -12.26 -11.36
CA ASN B 248 7.30 -11.12 -11.84
C ASN B 248 8.11 -10.57 -10.68
N HIS B 249 9.43 -10.53 -10.84
CA HIS B 249 10.35 -10.02 -9.83
C HIS B 249 11.19 -8.92 -10.47
N LYS B 250 10.70 -7.68 -10.41
CA LYS B 250 11.44 -6.56 -10.96
C LYS B 250 12.79 -6.32 -10.30
N PRO B 251 12.99 -6.53 -8.98
CA PRO B 251 14.33 -6.32 -8.39
C PRO B 251 15.45 -7.09 -9.08
N SER B 252 15.11 -8.15 -9.81
CA SER B 252 16.11 -8.93 -10.55
C SER B 252 15.75 -9.07 -12.03
N ASN B 253 14.73 -8.35 -12.50
CA ASN B 253 14.30 -8.40 -13.90
C ASN B 253 13.97 -9.83 -14.34
N THR B 254 13.30 -10.57 -13.46
CA THR B 254 12.96 -11.97 -13.70
C THR B 254 11.46 -12.14 -13.85
N LYS B 255 11.05 -12.91 -14.85
CA LYS B 255 9.66 -13.33 -15.02
C LYS B 255 9.64 -14.84 -15.20
N VAL B 256 8.79 -15.52 -14.44
CA VAL B 256 8.71 -16.98 -14.46
C VAL B 256 7.28 -17.39 -14.79
N ASP B 257 7.13 -18.25 -15.78
CA ASP B 257 5.84 -18.86 -16.11
C ASP B 257 5.93 -20.34 -15.75
N LYS B 258 5.06 -20.78 -14.83
CA LYS B 258 5.07 -22.14 -14.33
C LYS B 258 3.72 -22.77 -14.59
N LYS B 259 3.72 -23.90 -15.30
CA LYS B 259 2.49 -24.65 -15.54
C LYS B 259 2.15 -25.49 -14.32
N VAL B 260 0.94 -25.31 -13.81
CA VAL B 260 0.46 -26.09 -12.68
C VAL B 260 -0.30 -27.30 -13.22
N GLU B 261 0.22 -28.51 -12.95
CA GLU B 261 -0.36 -29.73 -13.47
C GLU B 261 -1.13 -30.47 -12.38
N PRO B 262 -2.34 -30.93 -12.64
CA PRO B 262 -3.08 -31.69 -11.64
C PRO B 262 -2.47 -33.07 -11.44
N LYS B 263 -2.55 -33.56 -10.21
CA LYS B 263 -1.98 -34.86 -9.86
C LYS B 263 -2.88 -35.99 -10.34
#